data_7HJB
#
_entry.id   7HJB
#
_cell.length_a   26.105
_cell.length_b   47.159
_cell.length_c   46.384
_cell.angle_alpha   90.000
_cell.angle_beta   103.060
_cell.angle_gamma   90.000
#
_symmetry.space_group_name_H-M   'P 1 21 1'
#
loop_
_entity.id
_entity.type
_entity.pdbx_description
1 polymer 'De novo designed ABLE protein'
2 non-polymer 'HYDROCINNAMIC ACID'
3 water water
#
_entity_poly.entity_id   1
_entity_poly.type   'polypeptide(L)'
_entity_poly.pdbx_seq_one_letter_code
;SVKSEYAEAAAVGQEAVAVFNTMKAAFQNGDKEAVAQYLARLASLYTRHEELLNRILEKARREGNKEAVTLMNEFTATFQ
TGKSIFNAMVAAFKNGDDDSFESYLQALEKVTAKGETLADQIAKAL
;
_entity_poly.pdbx_strand_id   A
#
loop_
_chem_comp.id
_chem_comp.type
_chem_comp.name
_chem_comp.formula
HCI non-polymer 'HYDROCINNAMIC ACID' 'C9 H10 O2'
#
# COMPACT_ATOMS: atom_id res chain seq x y z
N SER A 1 7.85 4.94 -20.52
N SER A 1 8.41 4.75 -20.58
CA SER A 1 7.88 3.47 -20.64
CA SER A 1 8.03 3.32 -20.69
C SER A 1 7.16 2.88 -19.44
C SER A 1 7.26 2.85 -19.46
N VAL A 2 6.78 1.61 -19.55
CA VAL A 2 6.09 0.99 -18.42
C VAL A 2 7.06 0.92 -17.25
N LYS A 3 8.37 0.78 -17.52
N LYS A 3 8.37 0.78 -17.52
CA LYS A 3 9.33 0.69 -16.44
CA LYS A 3 9.33 0.68 -16.44
C LYS A 3 9.43 2.00 -15.68
C LYS A 3 9.46 2.00 -15.68
N SER A 4 9.40 3.13 -16.40
CA SER A 4 9.43 4.43 -15.73
C SER A 4 8.08 4.73 -15.06
N GLU A 5 7.00 4.21 -15.61
CA GLU A 5 5.75 4.29 -14.88
C GLU A 5 5.82 3.48 -13.59
N TYR A 6 6.57 2.38 -13.57
CA TYR A 6 6.64 1.62 -12.33
C TYR A 6 7.52 2.36 -11.32
N ALA A 7 8.55 3.06 -11.77
N ALA A 7 8.55 3.07 -11.78
CA ALA A 7 9.35 3.87 -10.85
CA ALA A 7 9.35 3.87 -10.85
C ALA A 7 8.54 4.99 -10.22
C ALA A 7 8.54 4.99 -10.22
N GLU A 8 7.63 5.59 -11.00
CA GLU A 8 6.73 6.58 -10.44
C GLU A 8 5.78 5.94 -9.42
N ALA A 9 5.25 4.77 -9.74
CA ALA A 9 4.41 4.05 -8.80
C ALA A 9 5.19 3.68 -7.56
N ALA A 10 6.45 3.27 -7.72
CA ALA A 10 7.23 2.90 -6.55
C ALA A 10 7.43 4.10 -5.63
N ALA A 11 7.61 5.29 -6.21
CA ALA A 11 7.84 6.46 -5.38
C ALA A 11 6.58 6.84 -4.60
N VAL A 12 5.41 6.73 -5.24
CA VAL A 12 4.17 6.97 -4.51
C VAL A 12 4.02 5.97 -3.36
N GLY A 13 4.38 4.70 -3.59
CA GLY A 13 4.38 3.74 -2.51
C GLY A 13 5.29 4.14 -1.35
N GLN A 14 6.50 4.61 -1.67
CA GLN A 14 7.42 5.08 -0.63
C GLN A 14 6.87 6.29 0.11
N GLU A 15 6.10 7.14 -0.57
CA GLU A 15 5.49 8.28 0.11
C GLU A 15 4.49 7.80 1.16
N ALA A 16 3.73 6.79 0.82
CA ALA A 16 2.80 6.22 1.78
C ALA A 16 3.56 5.58 2.94
N VAL A 17 4.68 4.92 2.67
CA VAL A 17 5.47 4.39 3.78
C VAL A 17 5.88 5.52 4.72
N ALA A 18 6.35 6.64 4.15
N ALA A 18 6.32 6.64 4.14
CA ALA A 18 6.81 7.73 5.00
CA ALA A 18 6.80 7.75 4.97
C ALA A 18 5.68 8.31 5.83
C ALA A 18 5.68 8.31 5.83
N VAL A 19 4.53 8.54 5.20
N VAL A 19 4.53 8.61 5.23
CA VAL A 19 3.38 9.09 5.92
CA VAL A 19 3.43 9.17 5.99
C VAL A 19 2.86 8.10 6.94
C VAL A 19 2.95 8.18 7.04
N PHE A 20 2.94 6.81 6.63
N PHE A 20 2.81 6.92 6.66
CA PHE A 20 2.48 5.78 7.57
CA PHE A 20 2.43 5.88 7.62
C PHE A 20 3.31 5.79 8.86
C PHE A 20 3.35 5.88 8.84
N ASN A 21 4.63 5.84 8.73
N ASN A 21 4.65 6.07 8.63
CA ASN A 21 5.46 5.86 9.94
CA ASN A 21 5.56 6.01 9.76
C ASN A 21 5.20 7.13 10.75
C ASN A 21 5.47 7.24 10.65
N THR A 22 4.99 8.25 10.08
N THR A 22 5.10 8.40 10.11
CA THR A 22 4.64 9.48 10.80
CA THR A 22 4.82 9.54 10.98
C THR A 22 3.30 9.34 11.49
C THR A 22 3.47 9.34 11.68
N MET A 23 2.36 8.67 10.82
N MET A 23 2.50 8.75 10.97
CA MET A 23 1.06 8.41 11.43
CA MET A 23 1.20 8.51 11.58
C MET A 23 1.18 7.51 12.65
C MET A 23 1.30 7.53 12.74
N LYS A 24 2.02 6.47 12.56
N LYS A 24 2.09 6.46 12.59
CA LYS A 24 2.24 5.57 13.70
CA LYS A 24 2.32 5.52 13.68
C LYS A 24 2.76 6.33 14.91
C LYS A 24 2.87 6.23 14.90
N ALA A 25 3.76 7.19 14.70
CA ALA A 25 4.29 7.99 15.81
C ALA A 25 3.18 8.83 16.44
N ALA A 26 2.36 9.47 15.60
CA ALA A 26 1.28 10.31 16.12
C ALA A 26 0.27 9.50 16.91
N PHE A 27 -0.09 8.31 16.42
CA PHE A 27 -0.99 7.42 17.14
C PHE A 27 -0.42 7.09 18.52
N GLN A 28 0.85 6.69 18.56
CA GLN A 28 1.43 6.31 19.84
C GLN A 28 1.42 7.50 20.79
N ASN A 29 1.64 8.71 20.27
CA ASN A 29 1.65 9.91 21.12
C ASN A 29 0.26 10.43 21.47
N GLY A 30 -0.79 9.85 20.90
CA GLY A 30 -2.14 10.26 21.21
C GLY A 30 -2.62 11.49 20.50
N ASP A 31 -1.96 11.88 19.39
CA ASP A 31 -2.28 13.11 18.65
C ASP A 31 -3.30 12.71 17.59
N LYS A 32 -4.55 12.57 18.02
N LYS A 32 -4.56 12.59 18.02
CA LYS A 32 -5.59 12.03 17.14
CA LYS A 32 -5.59 12.07 17.13
C LYS A 32 -5.88 12.98 15.98
C LYS A 32 -5.89 13.02 15.98
N GLU A 33 -5.72 14.28 16.19
N GLU A 33 -5.73 14.33 16.19
CA GLU A 33 -5.96 15.22 15.09
CA GLU A 33 -5.96 15.26 15.10
C GLU A 33 -4.95 15.00 13.97
C GLU A 33 -4.95 15.05 13.97
N ALA A 34 -3.69 14.77 14.33
CA ALA A 34 -2.69 14.46 13.32
C ALA A 34 -3.04 13.14 12.65
N VAL A 35 -3.38 12.14 13.45
CA VAL A 35 -3.68 10.83 12.87
C VAL A 35 -4.78 10.95 11.83
N ALA A 36 -5.86 11.67 12.17
CA ALA A 36 -6.97 11.83 11.21
C ALA A 36 -6.48 12.37 9.86
N GLN A 37 -5.63 13.39 9.91
CA GLN A 37 -5.12 13.99 8.67
C GLN A 37 -4.21 13.03 7.92
N TYR A 38 -3.32 12.34 8.63
CA TYR A 38 -2.46 11.35 7.98
C TYR A 38 -3.27 10.24 7.35
N LEU A 39 -4.36 9.80 8.00
CA LEU A 39 -5.19 8.75 7.40
C LEU A 39 -5.85 9.21 6.10
N ALA A 40 -6.32 10.45 6.06
CA ALA A 40 -6.84 11.01 4.81
C ALA A 40 -5.75 11.04 3.75
N ARG A 41 -4.55 11.46 4.12
CA ARG A 41 -3.44 11.54 3.16
C ARG A 41 -3.08 10.17 2.62
N LEU A 42 -3.03 9.17 3.52
N LEU A 42 -3.02 9.17 3.52
CA LEU A 42 -2.76 7.80 3.11
CA LEU A 42 -2.73 7.80 3.09
C LEU A 42 -3.86 7.25 2.21
C LEU A 42 -3.82 7.27 2.16
N ALA A 43 -5.12 7.53 2.51
N ALA A 43 -5.08 7.64 2.38
CA ALA A 43 -6.20 7.06 1.63
CA ALA A 43 -6.14 7.16 1.49
C ALA A 43 -6.00 7.55 0.22
C ALA A 43 -5.92 7.66 0.07
N SER A 44 -5.50 8.77 0.07
N SER A 44 -5.72 8.97 -0.08
CA SER A 44 -5.27 9.34 -1.26
CA SER A 44 -5.52 9.54 -1.40
C SER A 44 -4.07 8.68 -1.93
C SER A 44 -4.25 9.01 -2.03
N LEU A 45 -3.00 8.44 -1.17
N LEU A 45 -3.23 8.76 -1.23
CA LEU A 45 -1.81 7.81 -1.73
CA LEU A 45 -2.01 8.15 -1.75
C LEU A 45 -2.09 6.38 -2.19
C LEU A 45 -2.27 6.71 -2.19
N TYR A 46 -2.84 5.61 -1.38
N TYR A 46 -2.88 5.91 -1.32
CA TYR A 46 -3.18 4.26 -1.81
CA TYR A 46 -3.17 4.53 -1.67
C TYR A 46 -4.07 4.27 -3.05
C TYR A 46 -4.14 4.43 -2.85
N THR A 47 -5.07 5.16 -3.09
N THR A 47 -4.99 5.45 -3.04
CA THR A 47 -5.92 5.22 -4.28
CA THR A 47 -5.86 5.46 -4.21
C THR A 47 -5.08 5.51 -5.52
C THR A 47 -5.05 5.67 -5.48
N ARG A 48 -4.11 6.40 -5.39
N ARG A 48 -4.18 6.69 -5.47
CA ARG A 48 -3.22 6.72 -6.52
CA ARG A 48 -3.36 6.99 -6.65
C ARG A 48 -2.37 5.50 -6.89
C ARG A 48 -2.35 5.89 -6.94
N HIS A 49 -1.71 4.91 -5.90
N HIS A 49 -1.87 5.19 -5.91
CA HIS A 49 -0.86 3.74 -6.15
CA HIS A 49 -0.94 4.09 -6.16
C HIS A 49 -1.66 2.62 -6.81
C HIS A 49 -1.66 2.92 -6.82
N GLU A 50 -2.84 2.31 -6.26
N GLU A 50 -2.89 2.62 -6.39
CA GLU A 50 -3.65 1.22 -6.80
CA GLU A 50 -3.69 1.60 -7.05
C GLU A 50 -3.97 1.44 -8.26
C GLU A 50 -3.87 1.92 -8.53
N GLU A 51 -4.31 2.69 -8.64
N GLU A 51 -4.07 3.20 -8.84
CA GLU A 51 -4.67 2.97 -10.04
CA GLU A 51 -4.31 3.59 -10.22
C GLU A 51 -3.46 2.86 -10.96
C GLU A 51 -3.07 3.33 -11.08
N LEU A 52 -2.31 3.37 -10.52
N LEU A 52 -1.90 3.71 -10.58
CA LEU A 52 -1.07 3.25 -11.31
CA LEU A 52 -0.66 3.48 -11.32
C LEU A 52 -0.71 1.78 -11.50
C LEU A 52 -0.34 2.00 -11.46
N LEU A 53 -0.81 0.98 -10.46
N LEU A 53 -0.68 1.21 -10.44
CA LEU A 53 -0.55 -0.45 -10.59
CA LEU A 53 -0.39 -0.22 -10.49
C LEU A 53 -1.50 -1.08 -11.60
C LEU A 53 -1.28 -0.92 -11.49
N ASN A 54 -2.74 -0.60 -11.64
N ASN A 54 -2.56 -0.55 -11.57
CA ASN A 54 -3.70 -1.19 -12.57
CA ASN A 54 -3.45 -1.23 -12.50
C ASN A 54 -3.31 -0.85 -13.99
C ASN A 54 -3.05 -0.92 -13.92
N ARG A 55 -2.80 0.36 -14.21
CA ARG A 55 -2.36 0.74 -15.55
C ARG A 55 -1.12 -0.04 -15.99
N ILE A 56 -0.21 -0.27 -15.05
CA ILE A 56 1.00 -1.04 -15.33
C ILE A 56 0.65 -2.47 -15.68
N LEU A 57 -0.26 -3.09 -14.89
CA LEU A 57 -0.68 -4.45 -15.17
C LEU A 57 -1.39 -4.54 -16.52
N GLU A 58 -2.31 -3.61 -16.80
CA GLU A 58 -2.99 -3.62 -18.09
C GLU A 58 -2.01 -3.46 -19.25
N LYS A 59 -0.99 -2.61 -19.07
CA LYS A 59 0.00 -2.41 -20.12
C LYS A 59 0.85 -3.67 -20.33
N ALA A 60 1.31 -4.28 -19.23
CA ALA A 60 2.00 -5.55 -19.34
C ALA A 60 1.18 -6.58 -20.10
N ARG A 61 -0.13 -6.64 -19.85
CA ARG A 61 -0.99 -7.59 -20.55
C ARG A 61 -1.01 -7.29 -22.05
N ARG A 62 -1.15 -6.01 -22.39
CA ARG A 62 -1.24 -5.64 -23.81
C ARG A 62 0.08 -5.90 -24.53
N GLU A 63 1.19 -5.81 -23.81
CA GLU A 63 2.54 -6.10 -24.30
C GLU A 63 2.84 -7.58 -24.37
N GLY A 64 1.98 -8.43 -23.82
CA GLY A 64 2.21 -9.85 -23.77
C GLY A 64 3.36 -10.27 -22.88
N ASN A 65 3.67 -9.48 -21.86
CA ASN A 65 4.83 -9.74 -20.98
C ASN A 65 4.36 -10.69 -19.88
N LYS A 66 4.33 -11.98 -20.21
N LYS A 66 4.33 -11.98 -20.21
CA LYS A 66 3.68 -12.95 -19.33
CA LYS A 66 3.69 -12.97 -19.34
C LYS A 66 4.27 -12.94 -17.93
C LYS A 66 4.27 -12.94 -17.94
N GLU A 67 5.61 -12.90 -17.82
CA GLU A 67 6.19 -12.94 -16.48
C GLU A 67 5.80 -11.72 -15.70
N ALA A 68 5.82 -10.54 -16.32
CA ALA A 68 5.41 -9.34 -15.58
C ALA A 68 3.95 -9.40 -15.17
N VAL A 69 3.09 -9.98 -16.02
CA VAL A 69 1.67 -10.10 -15.69
C VAL A 69 1.49 -11.02 -14.48
N THR A 70 2.18 -12.17 -14.47
CA THR A 70 2.11 -13.07 -13.33
C THR A 70 2.48 -12.34 -12.04
N LEU A 71 3.63 -11.68 -12.05
CA LEU A 71 4.10 -11.00 -10.84
C LEU A 71 3.16 -9.88 -10.42
N MET A 72 2.66 -9.11 -11.40
N MET A 72 2.66 -9.12 -11.39
CA MET A 72 1.75 -8.01 -11.09
CA MET A 72 1.75 -8.04 -11.07
C MET A 72 0.37 -8.50 -10.66
C MET A 72 0.45 -8.57 -10.47
N ASN A 73 -0.09 -9.66 -11.16
N ASN A 73 -0.14 -9.60 -11.09
CA ASN A 73 -1.32 -10.24 -10.61
CA ASN A 73 -1.29 -10.26 -10.47
C ASN A 73 -1.18 -10.61 -9.14
C ASN A 73 -0.97 -10.67 -9.03
N GLU A 74 -0.04 -11.22 -8.77
N GLU A 74 0.19 -11.27 -8.81
CA GLU A 74 0.19 -11.54 -7.36
CA GLU A 74 0.56 -11.62 -7.44
C GLU A 74 0.30 -10.27 -6.53
C GLU A 74 0.77 -10.38 -6.59
N PHE A 75 1.12 -9.32 -7.00
N PHE A 75 1.17 -9.27 -7.21
CA PHE A 75 1.39 -8.12 -6.24
CA PHE A 75 1.38 -8.04 -6.45
C PHE A 75 0.13 -7.28 -6.05
C PHE A 75 0.05 -7.38 -6.11
N THR A 76 -0.73 -7.20 -7.07
N THR A 76 -0.81 -7.20 -7.10
CA THR A 76 -1.96 -6.44 -6.90
CA THR A 76 -2.09 -6.54 -6.85
C THR A 76 -2.92 -7.15 -5.94
C THR A 76 -2.93 -7.32 -5.84
N ALA A 77 -2.96 -8.47 -5.96
N ALA A 77 -2.75 -8.65 -5.78
CA ALA A 77 -3.77 -9.18 -4.96
CA ALA A 77 -3.49 -9.44 -4.81
C ALA A 77 -3.29 -8.83 -3.56
C ALA A 77 -3.09 -9.10 -3.38
N THR A 78 -1.98 -8.84 -3.34
N THR A 78 -1.79 -9.01 -3.12
CA THR A 78 -1.43 -8.54 -2.02
CA THR A 78 -1.33 -8.52 -1.82
C THR A 78 -1.68 -7.07 -1.65
C THR A 78 -1.81 -7.09 -1.58
N PHE A 79 -1.51 -6.15 -2.59
N PHE A 79 -1.99 -6.30 -2.66
CA PHE A 79 -1.87 -4.76 -2.33
CA PHE A 79 -2.42 -4.92 -2.50
C PHE A 79 -3.28 -4.67 -1.75
C PHE A 79 -3.86 -4.83 -1.98
N GLN A 80 -4.21 -5.45 -2.30
N GLN A 80 -4.72 -5.74 -2.42
CA GLN A 80 -5.58 -5.44 -1.79
CA GLN A 80 -6.12 -5.70 -1.99
C GLN A 80 -5.66 -5.98 -0.35
C GLN A 80 -6.26 -6.12 -0.53
N THR A 81 -4.82 -6.95 0.00
N THR A 81 -5.39 -7.01 -0.05
CA THR A 81 -4.74 -7.38 1.40
CA THR A 81 -5.33 -7.32 1.38
C THR A 81 -4.34 -6.21 2.29
C THR A 81 -5.00 -6.07 2.19
N GLY A 82 -3.32 -5.47 1.88
N GLY A 82 -3.97 -5.34 1.77
CA GLY A 82 -2.94 -4.28 2.63
CA GLY A 82 -3.64 -4.09 2.44
C GLY A 82 -4.05 -3.24 2.67
C GLY A 82 -4.82 -3.15 2.49
N LYS A 83 -4.72 -3.04 1.54
N LYS A 83 -5.54 -3.02 1.36
CA LYS A 83 -5.80 -2.05 1.48
CA LYS A 83 -6.69 -2.14 1.31
C LYS A 83 -6.94 -2.41 2.44
C LYS A 83 -7.72 -2.54 2.36
N SER A 84 -7.34 -3.69 2.44
N SER A 84 -8.02 -3.83 2.49
CA SER A 84 -8.40 -4.10 3.36
CA SER A 84 -9.03 -4.26 3.43
C SER A 84 -7.99 -3.86 4.80
C SER A 84 -8.59 -4.01 4.86
N ILE A 85 -6.74 -4.15 5.14
N ILE A 85 -7.32 -4.27 5.17
CA ILE A 85 -6.28 -3.90 6.50
CA ILE A 85 -6.82 -4.03 6.52
C ILE A 85 -6.26 -2.40 6.79
C ILE A 85 -6.77 -2.53 6.80
N PHE A 86 -5.97 -1.58 5.78
N PHE A 86 -6.16 -1.76 5.88
CA PHE A 86 -6.03 -0.13 5.96
CA PHE A 86 -6.07 -0.32 6.10
C PHE A 86 -7.45 0.31 6.29
C PHE A 86 -7.45 0.29 6.30
N ASN A 87 -8.42 -0.13 5.50
CA ASN A 87 -9.78 0.32 5.70
C ASN A 87 -10.29 -0.10 7.07
N ALA A 88 -9.95 -1.31 7.52
CA ALA A 88 -10.34 -1.71 8.88
C ALA A 88 -9.68 -0.82 9.92
N MET A 89 -8.43 -0.42 9.68
CA MET A 89 -7.73 0.47 10.60
C MET A 89 -8.45 1.80 10.70
N VAL A 90 -8.86 2.34 9.55
CA VAL A 90 -9.59 3.62 9.52
C VAL A 90 -10.88 3.51 10.32
N ALA A 91 -11.58 2.39 10.18
CA ALA A 91 -12.81 2.14 10.94
C ALA A 91 -12.53 2.04 12.43
N ALA A 92 -11.45 1.35 12.80
CA ALA A 92 -11.06 1.29 14.21
C ALA A 92 -10.80 2.68 14.75
N PHE A 93 -10.21 3.55 13.96
CA PHE A 93 -9.96 4.92 14.42
C PHE A 93 -11.27 5.67 14.63
N LYS A 94 -12.17 5.59 13.67
N LYS A 94 -12.18 5.58 13.67
CA LYS A 94 -13.49 6.19 13.79
CA LYS A 94 -13.49 6.21 13.80
C LYS A 94 -14.20 5.71 15.05
C LYS A 94 -14.22 5.71 15.04
N ASN A 95 -14.10 4.41 15.34
CA ASN A 95 -14.82 3.81 16.46
C ASN A 95 -14.14 4.03 17.81
N GLY A 96 -12.95 4.63 17.83
CA GLY A 96 -12.17 4.74 19.07
C GLY A 96 -11.59 3.44 19.60
N ASP A 97 -11.39 2.44 18.75
CA ASP A 97 -10.91 1.13 19.20
C ASP A 97 -9.39 1.09 19.01
N ASP A 98 -8.65 1.52 20.02
CA ASP A 98 -7.22 1.59 19.88
C ASP A 98 -6.59 0.22 19.84
N ASP A 99 -7.23 -0.78 20.46
CA ASP A 99 -6.68 -2.13 20.43
C ASP A 99 -6.73 -2.67 19.00
N SER A 100 -7.85 -2.52 18.31
CA SER A 100 -7.90 -2.94 16.92
C SER A 100 -6.96 -2.10 16.05
N PHE A 101 -6.86 -0.80 16.32
CA PHE A 101 -5.97 0.04 15.51
C PHE A 101 -4.54 -0.45 15.61
N GLU A 102 -4.06 -0.76 16.81
N GLU A 102 -4.06 -0.76 16.81
CA GLU A 102 -2.73 -1.31 16.99
CA GLU A 102 -2.73 -1.31 16.98
C GLU A 102 -2.55 -2.60 16.20
C GLU A 102 -2.55 -2.60 16.20
N SER A 103 -3.53 -3.50 16.30
CA SER A 103 -3.47 -4.79 15.59
C SER A 103 -3.34 -4.55 14.10
N TYR A 104 -4.33 -3.87 13.51
N TYR A 104 -4.28 -3.80 13.53
CA TYR A 104 -4.32 -3.65 12.07
CA TYR A 104 -4.25 -3.51 12.10
C TYR A 104 -3.06 -2.93 11.61
C TYR A 104 -2.94 -2.87 11.68
N LEU A 105 -2.49 -2.07 12.45
N LEU A 105 -2.43 -1.92 12.47
CA LEU A 105 -1.28 -1.35 12.08
CA LEU A 105 -1.20 -1.25 12.09
C LEU A 105 -0.10 -2.30 11.90
C LEU A 105 -0.05 -2.24 11.99
N GLN A 106 0.10 -3.20 12.87
N GLN A 106 -0.01 -3.22 12.90
CA GLN A 106 1.19 -4.16 12.80
CA GLN A 106 0.98 -4.29 12.80
C GLN A 106 1.00 -5.13 11.64
C GLN A 106 0.75 -5.15 11.57
N ALA A 107 -0.24 -5.59 11.44
N ALA A 107 -0.52 -5.41 11.24
CA ALA A 107 -0.50 -6.48 10.32
CA ALA A 107 -0.83 -6.25 10.09
C ALA A 107 -0.16 -5.79 9.01
C ALA A 107 -0.44 -5.58 8.79
N LEU A 108 -0.57 -4.53 8.86
N LEU A 108 -0.69 -4.27 8.68
CA LEU A 108 -0.27 -3.79 7.64
CA LEU A 108 -0.34 -3.56 7.45
C LEU A 108 1.23 -3.68 7.43
C LEU A 108 1.16 -3.56 7.23
N GLU A 109 1.98 -3.53 8.53
N GLU A 109 1.95 -3.49 8.31
CA GLU A 109 3.44 -3.43 8.43
CA GLU A 109 3.40 -3.58 8.19
C GLU A 109 4.05 -4.75 7.95
C GLU A 109 3.82 -4.93 7.62
N LYS A 110 3.51 -5.88 8.39
N LYS A 110 3.18 -6.01 8.06
CA LYS A 110 4.08 -7.18 8.01
CA LYS A 110 3.49 -7.32 7.49
C LYS A 110 3.63 -7.60 6.62
C LYS A 110 3.17 -7.36 6.01
N VAL A 111 2.41 -7.27 6.22
N VAL A 111 2.02 -6.81 5.61
CA VAL A 111 1.98 -7.57 4.85
CA VAL A 111 1.65 -6.79 4.20
C VAL A 111 2.80 -6.77 3.86
C VAL A 111 2.70 -6.04 3.41
N THR A 112 3.14 -5.53 4.20
N THR A 112 3.19 -4.92 3.94
CA THR A 112 3.90 -4.67 3.30
CA THR A 112 4.20 -4.14 3.23
C THR A 112 5.36 -5.15 3.20
C THR A 112 5.54 -4.88 3.21
N ALA A 113 5.97 -5.44 4.35
CA ALA A 113 7.30 -6.02 4.38
C ALA A 113 7.37 -7.29 3.53
N LYS A 114 6.36 -8.17 3.65
N LYS A 114 6.36 -8.16 3.64
CA LYS A 114 6.38 -9.40 2.87
CA LYS A 114 6.38 -9.41 2.89
C LYS A 114 6.39 -9.10 1.37
C LYS A 114 6.35 -9.15 1.39
N GLY A 115 5.58 -8.13 0.94
N GLY A 115 5.61 -8.14 0.96
CA GLY A 115 5.42 -7.85 -0.48
CA GLY A 115 5.44 -7.87 -0.46
C GLY A 115 6.58 -7.14 -1.15
C GLY A 115 6.57 -7.14 -1.14
N GLU A 116 7.71 -6.98 -0.46
N GLU A 116 7.71 -6.97 -0.47
CA GLU A 116 8.77 -6.14 -1.01
CA GLU A 116 8.77 -6.14 -1.02
C GLU A 116 9.67 -6.90 -1.97
C GLU A 116 9.67 -6.90 -1.98
N THR A 117 9.96 -8.17 -1.71
CA THR A 117 10.80 -8.91 -2.64
C THR A 117 10.12 -9.00 -4.01
N LEU A 118 8.80 -9.17 -4.02
CA LEU A 118 8.04 -9.16 -5.27
C LEU A 118 8.09 -7.78 -5.94
N ALA A 119 7.92 -6.71 -5.14
CA ALA A 119 8.00 -5.36 -5.69
C ALA A 119 9.30 -5.15 -6.45
N ASP A 120 10.42 -5.62 -5.88
N ASP A 120 10.42 -5.62 -5.88
CA ASP A 120 11.69 -5.48 -6.58
CA ASP A 120 11.69 -5.49 -6.57
C ASP A 120 11.76 -6.38 -7.81
C ASP A 120 11.76 -6.38 -7.81
N GLN A 121 11.12 -7.55 -7.76
CA GLN A 121 11.13 -8.44 -8.94
C GLN A 121 10.38 -7.84 -10.11
N ILE A 122 9.32 -7.08 -9.83
CA ILE A 122 8.54 -6.51 -10.92
C ILE A 122 9.37 -5.47 -11.65
N ALA A 123 10.07 -4.61 -10.92
CA ALA A 123 10.94 -3.62 -11.55
C ALA A 123 11.83 -4.29 -12.61
N LYS A 124 12.40 -5.44 -12.28
N LYS A 124 12.39 -5.45 -12.28
CA LYS A 124 13.31 -6.10 -13.20
CA LYS A 124 13.32 -6.12 -13.17
C LYS A 124 12.57 -6.73 -14.38
C LYS A 124 12.62 -6.85 -14.30
N ALA A 125 11.32 -7.11 -14.18
CA ALA A 125 10.60 -7.87 -15.20
C ALA A 125 9.94 -7.02 -16.26
N LEU A 126 9.67 -5.76 -15.99
CA LEU A 126 8.88 -4.95 -16.91
C LEU A 126 9.67 -4.58 -18.15
C1 HCI B . -1.46 -1.00 0.99
O1 HCI B . -0.95 -2.10 0.66
O2 HCI B . -1.05 -0.43 2.03
C2 HCI B . -2.57 -0.36 0.16
C3 HCI B . -3.76 -0.05 1.09
C1' HCI B . -4.91 0.63 0.35
C2' HCI B . -5.02 0.54 -1.02
C3' HCI B . -6.06 1.16 -1.69
C4' HCI B . -7.02 1.86 -0.97
C5' HCI B . -6.93 1.94 0.41
C6' HCI B . -5.87 1.33 1.07
H21 HCI B . -2.90 -1.03 -0.63
H22 HCI B . -2.22 0.57 -0.30
H31 HCI B . -4.11 -0.98 1.51
H32 HCI B . -3.42 0.59 1.89
H2' HCI B . -4.27 0.00 -1.58
H3' HCI B . -6.14 1.09 -2.77
H4' HCI B . -7.84 2.34 -1.49
H5' HCI B . -7.67 2.49 0.97
H6' HCI B . -5.79 1.38 2.14
C1 HCI C . -5.08 0.77 0.66
O1 HCI C . -5.29 0.85 -0.57
O2 HCI C . -5.80 1.42 1.47
C2 HCI C . -3.95 -0.12 1.18
C3 HCI C . -2.89 -0.34 0.09
C1' HCI C . -1.77 -1.19 0.68
C2' HCI C . -1.10 -0.72 1.81
C3' HCI C . -0.08 -1.48 2.36
C4' HCI C . 0.28 -2.68 1.78
C5' HCI C . -0.38 -3.14 0.66
C6' HCI C . -1.40 -2.38 0.11
H21 HCI C . -4.34 -1.08 1.48
H22 HCI C . -3.48 0.36 2.04
H31 HCI C . -3.33 -0.87 -0.76
H32 HCI C . -2.50 0.62 -0.24
H2' HCI C . -1.38 0.22 2.25
H3' HCI C . 0.44 -1.12 3.24
H4' HCI C . 1.08 -3.27 2.22
H5' HCI C . -0.09 -4.08 0.21
H6' HCI C . -1.93 -2.74 -0.77
#